data_5YX3
#
_entry.id   5YX3
#
_cell.length_a   103.472
_cell.length_b   113.635
_cell.length_c   76.718
_cell.angle_alpha   90.00
_cell.angle_beta   90.00
_cell.angle_gamma   90.00
#
_symmetry.space_group_name_H-M   'C 2 2 21'
#
loop_
_entity.id
_entity.type
_entity.pdbx_description
1 polymer 'Chalcone-flavonone isomerase family protein'
2 water water
#
_entity_poly.entity_id   1
_entity_poly.type   'polypeptide(L)'
_entity_poly.pdbx_seq_one_letter_code
;MAVSELEVDGVVFPSLARPPGSAHSHFLAGAGVRGMEIGGNFIKFTAIGVYLQADAAVSALAKKWAGKAADELASDAAFF
RDVVTGEFEKFTQVTMILPLTGAQYSEKVTENCVAYWKAVGAYTDAEAAAVDKFKEAFKTETFPPGASILFTHSPAGVLT
VAFSKNSSVPESGGAAIENRPLCEAVLESIIGEHGVSPAAKLSLATRVAELLKEAASVDEPAAAEPVSVSA
;
_entity_poly.pdbx_strand_id   A,B
#
# COMPACT_ATOMS: atom_id res chain seq x y z
N ALA A 2 -1.95 15.45 14.91
CA ALA A 2 -3.06 14.50 14.87
C ALA A 2 -4.15 14.97 13.91
N VAL A 3 -4.79 14.01 13.23
CA VAL A 3 -5.86 14.32 12.31
C VAL A 3 -7.04 13.37 12.52
N SER A 4 -8.05 13.47 11.68
CA SER A 4 -9.24 12.64 11.85
C SER A 4 -9.57 11.83 10.60
N GLU A 5 -10.38 10.80 10.80
CA GLU A 5 -10.90 9.97 9.71
C GLU A 5 -11.90 10.77 8.90
N LEU A 6 -11.98 10.55 7.60
CA LEU A 6 -12.97 11.26 6.80
C LEU A 6 -13.89 10.31 6.05
N GLU A 7 -15.19 10.46 6.25
CA GLU A 7 -16.17 9.69 5.49
C GLU A 7 -16.77 10.54 4.38
N VAL A 8 -16.73 10.03 3.16
CA VAL A 8 -17.25 10.77 2.02
C VAL A 8 -18.13 9.88 1.17
N ASP A 9 -19.45 10.16 1.22
CA ASP A 9 -20.52 9.28 0.75
C ASP A 9 -20.12 7.80 0.73
N GLY A 10 -19.90 7.24 1.90
CA GLY A 10 -19.63 5.82 2.03
C GLY A 10 -18.16 5.45 2.10
N VAL A 11 -17.31 6.24 1.48
CA VAL A 11 -15.89 5.92 1.40
C VAL A 11 -15.13 6.43 2.62
N VAL A 12 -14.50 5.49 3.33
CA VAL A 12 -13.73 5.83 4.53
C VAL A 12 -12.26 6.08 4.19
N PHE A 13 -11.77 7.25 4.59
CA PHE A 13 -10.37 7.62 4.45
C PHE A 13 -9.70 7.64 5.81
N PRO A 14 -8.71 6.77 6.02
CA PRO A 14 -7.94 6.71 7.25
C PRO A 14 -7.12 7.97 7.47
N SER A 15 -7.03 8.41 8.72
CA SER A 15 -6.31 9.62 9.05
C SER A 15 -4.81 9.47 8.81
N LEU A 16 -4.29 8.27 9.06
CA LEU A 16 -2.87 8.00 8.93
C LEU A 16 -2.65 6.79 8.03
N ALA A 17 -2.06 7.01 6.86
CA ALA A 17 -1.96 5.96 5.85
C ALA A 17 -0.53 5.58 5.50
N ARG A 18 -0.36 4.35 5.02
CA ARG A 18 0.92 3.89 4.50
C ARG A 18 0.77 3.52 3.03
N PRO A 19 1.00 4.50 2.14
CA PRO A 19 0.84 4.29 0.70
C PRO A 19 1.92 3.41 0.07
N PRO A 20 1.55 2.63 -0.95
CA PRO A 20 2.51 1.87 -1.74
C PRO A 20 3.47 2.78 -2.49
N GLY A 21 4.75 2.43 -2.50
CA GLY A 21 5.75 3.24 -3.17
C GLY A 21 6.40 4.21 -2.21
N SER A 22 6.03 4.10 -0.93
CA SER A 22 6.43 5.07 0.07
C SER A 22 6.90 4.45 1.37
N ALA A 23 8.05 4.89 1.86
CA ALA A 23 8.57 4.38 3.12
C ALA A 23 7.89 5.03 4.32
N HIS A 24 7.26 6.18 4.08
CA HIS A 24 6.73 7.01 5.17
C HIS A 24 5.22 6.90 5.31
N SER A 25 4.73 7.29 6.49
CA SER A 25 3.30 7.39 6.71
C SER A 25 2.81 8.74 6.18
N HIS A 26 1.58 8.78 5.69
CA HIS A 26 1.00 10.03 5.25
C HIS A 26 -0.23 10.34 6.10
N PHE A 27 -0.51 11.62 6.29
CA PHE A 27 -1.72 12.01 7.02
C PHE A 27 -2.76 12.53 6.04
N LEU A 28 -4.02 12.18 6.29
CA LEU A 28 -5.12 12.65 5.49
C LEU A 28 -5.20 14.17 5.57
N ALA A 29 -4.75 14.82 4.50
CA ALA A 29 -4.72 16.26 4.45
C ALA A 29 -6.10 16.81 4.12
N GLY A 30 -6.86 16.09 3.30
CA GLY A 30 -8.25 16.49 3.06
C GLY A 30 -8.99 15.56 2.12
N ALA A 31 -10.32 15.63 2.08
CA ALA A 31 -11.07 14.76 1.17
C ALA A 31 -12.45 15.31 0.80
N GLY A 32 -12.89 15.04 -0.42
CA GLY A 32 -14.19 15.50 -0.89
C GLY A 32 -14.58 14.83 -2.19
N VAL A 33 -15.84 15.01 -2.62
CA VAL A 33 -16.30 14.38 -3.86
C VAL A 33 -15.93 15.16 -5.10
N ARG A 34 -15.84 14.44 -6.22
CA ARG A 34 -15.92 15.05 -7.54
C ARG A 34 -17.38 15.02 -7.96
N GLY A 35 -17.96 16.19 -8.14
CA GLY A 35 -19.36 16.24 -8.49
C GLY A 35 -19.63 16.91 -9.82
N MET A 36 -20.86 16.76 -10.32
CA MET A 36 -21.26 17.47 -11.52
C MET A 36 -22.76 17.62 -11.62
N GLU A 37 -23.20 18.81 -12.01
CA GLU A 37 -24.61 19.07 -12.24
C GLU A 37 -25.11 18.36 -13.49
N ILE A 38 -26.15 17.55 -13.32
CA ILE A 38 -26.82 16.94 -14.45
C ILE A 38 -28.34 16.96 -14.23
N GLY A 39 -29.03 17.58 -15.18
CA GLY A 39 -30.47 17.74 -15.12
C GLY A 39 -30.97 18.12 -13.76
N GLY A 40 -31.88 17.30 -13.23
CA GLY A 40 -32.50 17.55 -11.95
C GLY A 40 -31.55 17.70 -10.78
N ASN A 41 -30.46 16.94 -10.77
CA ASN A 41 -29.65 16.87 -9.55
C ASN A 41 -28.13 16.99 -9.72
N PHE A 42 -27.45 16.85 -8.59
CA PHE A 42 -26.00 16.93 -8.50
C PHE A 42 -25.41 15.53 -8.32
N ILE A 43 -24.82 15.01 -9.38
CA ILE A 43 -24.32 13.63 -9.38
C ILE A 43 -22.90 13.52 -8.82
N LYS A 44 -22.73 12.57 -7.89
CA LYS A 44 -21.44 12.26 -7.32
C LYS A 44 -20.75 11.18 -8.15
N PHE A 45 -19.53 11.49 -8.60
CA PHE A 45 -18.78 10.61 -9.49
C PHE A 45 -17.70 9.85 -8.75
N THR A 46 -16.97 10.60 -7.93
CA THR A 46 -15.73 10.15 -7.33
C THR A 46 -15.64 10.67 -5.91
N ALA A 47 -14.91 9.96 -5.05
CA ALA A 47 -14.53 10.46 -3.74
C ALA A 47 -13.01 10.48 -3.67
N ILE A 48 -12.45 11.67 -3.50
CA ILE A 48 -11.01 11.84 -3.54
C ILE A 48 -10.45 12.20 -2.17
N GLY A 49 -9.32 11.56 -1.83
CA GLY A 49 -8.60 11.86 -0.60
C GLY A 49 -7.15 12.23 -0.88
N VAL A 50 -6.72 13.35 -0.33
CA VAL A 50 -5.35 13.84 -0.47
C VAL A 50 -4.57 13.70 0.82
N TYR A 51 -3.43 13.02 0.69
CA TYR A 51 -2.50 12.69 1.76
C TYR A 51 -1.16 13.38 1.55
N LEU A 52 -0.55 13.80 2.66
CA LEU A 52 0.77 14.43 2.62
C LEU A 52 1.73 13.69 3.54
N GLN A 53 3.01 13.70 3.18
CA GLN A 53 4.04 13.05 4.00
C GLN A 53 3.99 13.57 5.43
N ALA A 54 3.87 12.64 6.37
CA ALA A 54 3.60 12.97 7.78
C ALA A 54 4.55 14.03 8.34
N ASP A 55 5.83 13.68 8.45
CA ASP A 55 6.80 14.56 9.08
C ASP A 55 7.09 15.83 8.28
N ALA A 56 7.32 15.67 6.98
CA ALA A 56 7.95 16.71 6.16
C ALA A 56 7.01 17.81 5.66
N ALA A 57 5.79 17.44 5.30
CA ALA A 57 4.85 18.37 4.67
C ALA A 57 4.62 19.63 5.50
N VAL A 58 4.22 19.42 6.75
CA VAL A 58 3.97 20.52 7.68
C VAL A 58 5.18 21.44 7.77
N SER A 59 6.37 20.86 7.94
CA SER A 59 7.59 21.65 8.07
C SER A 59 7.84 22.50 6.81
N ALA A 60 7.75 21.87 5.65
CA ALA A 60 8.04 22.57 4.39
C ALA A 60 7.04 23.69 4.10
N LEU A 61 5.75 23.46 4.37
CA LEU A 61 4.73 24.48 4.12
C LEU A 61 4.70 25.57 5.19
N ALA A 62 5.27 25.26 6.35
CA ALA A 62 5.08 26.08 7.54
C ALA A 62 5.71 27.47 7.48
N LYS A 63 6.72 27.71 6.65
CA LYS A 63 7.40 29.02 6.72
C LYS A 63 6.94 30.06 5.70
N LYS A 64 6.24 29.61 4.65
CA LYS A 64 5.45 30.53 3.85
C LYS A 64 4.02 30.65 4.41
N TRP A 65 3.47 29.58 4.99
CA TRP A 65 2.07 29.64 5.36
C TRP A 65 1.73 29.45 6.85
N ALA A 66 2.70 29.39 7.77
CA ALA A 66 2.30 29.35 9.20
C ALA A 66 1.83 30.71 9.64
N GLY A 67 1.02 30.70 10.69
CA GLY A 67 0.42 31.89 11.23
C GLY A 67 -0.81 32.23 10.41
N LYS A 68 -0.70 32.10 9.10
CA LYS A 68 -1.77 32.39 8.17
C LYS A 68 -3.02 31.55 8.48
N ALA A 69 -4.20 32.17 8.38
CA ALA A 69 -5.47 31.52 8.68
C ALA A 69 -5.93 30.63 7.53
N ALA A 70 -6.89 29.75 7.80
CA ALA A 70 -7.41 28.83 6.78
C ALA A 70 -8.12 29.59 5.66
N ASP A 71 -8.85 30.63 6.06
CA ASP A 71 -9.41 31.65 5.18
C ASP A 71 -8.42 32.01 4.05
N GLU A 72 -7.30 32.56 4.47
CA GLU A 72 -6.23 32.98 3.57
C GLU A 72 -5.74 31.87 2.64
N LEU A 73 -5.57 30.66 3.17
CA LEU A 73 -5.10 29.52 2.37
C LEU A 73 -6.08 29.09 1.29
N ALA A 74 -7.33 28.88 1.72
CA ALA A 74 -8.41 28.51 0.83
C ALA A 74 -8.55 29.52 -0.29
N SER A 75 -8.29 30.78 0.04
CA SER A 75 -8.43 31.86 -0.93
C SER A 75 -7.30 31.90 -1.98
N ASP A 76 -6.10 31.47 -1.61
CA ASP A 76 -4.90 31.65 -2.45
C ASP A 76 -4.49 30.38 -3.20
N ALA A 77 -4.36 30.50 -4.52
CA ALA A 77 -3.97 29.37 -5.36
C ALA A 77 -2.50 29.00 -5.19
N ALA A 78 -1.71 29.97 -4.73
CA ALA A 78 -0.28 29.77 -4.50
C ALA A 78 -0.03 28.67 -3.48
N PHE A 79 -0.93 28.60 -2.50
CA PHE A 79 -0.83 27.59 -1.46
C PHE A 79 -0.98 26.18 -2.02
N PHE A 80 -1.97 25.99 -2.88
CA PHE A 80 -2.22 24.70 -3.48
C PHE A 80 -1.12 24.34 -4.47
N ARG A 81 -0.55 25.37 -5.10
CA ARG A 81 0.64 25.17 -5.91
C ARG A 81 1.79 24.67 -5.03
N ASP A 82 1.85 25.17 -3.80
CA ASP A 82 2.91 24.76 -2.88
C ASP A 82 2.70 23.37 -2.32
N VAL A 83 1.44 22.93 -2.29
CA VAL A 83 1.15 21.56 -1.90
C VAL A 83 1.53 20.61 -3.04
N VAL A 84 1.16 20.98 -4.27
CA VAL A 84 1.46 20.19 -5.45
C VAL A 84 2.97 20.08 -5.70
N THR A 85 3.68 21.18 -5.47
CA THR A 85 5.06 21.34 -5.89
C THR A 85 6.06 21.00 -4.76
N GLY A 86 5.58 21.04 -3.52
CA GLY A 86 6.42 20.83 -2.35
C GLY A 86 7.47 19.73 -2.40
N GLU A 87 8.59 19.94 -1.70
CA GLU A 87 9.66 18.94 -1.61
C GLU A 87 9.34 17.95 -0.48
N PHE A 88 8.27 17.22 -0.69
CA PHE A 88 7.86 16.14 0.19
C PHE A 88 6.99 15.28 -0.68
N GLU A 89 6.72 14.06 -0.26
CA GLU A 89 5.93 13.22 -1.12
C GLU A 89 4.45 13.31 -0.75
N LYS A 90 3.62 13.17 -1.77
CA LYS A 90 2.18 13.26 -1.60
C LYS A 90 1.57 11.96 -2.05
N PHE A 91 0.32 11.75 -1.68
CA PHE A 91 -0.42 10.60 -2.15
C PHE A 91 -1.87 11.01 -2.39
N THR A 92 -2.53 10.39 -3.37
CA THR A 92 -3.94 10.67 -3.57
C THR A 92 -4.72 9.40 -3.92
N GLN A 93 -5.87 9.25 -3.28
CA GLN A 93 -6.77 8.13 -3.53
C GLN A 93 -8.04 8.57 -4.25
N VAL A 94 -8.33 7.89 -5.36
CA VAL A 94 -9.49 8.17 -6.17
C VAL A 94 -10.46 6.99 -6.11
N THR A 95 -11.61 7.17 -5.46
CA THR A 95 -12.54 6.05 -5.27
C THR A 95 -13.83 6.27 -6.06
N MET A 96 -14.26 5.24 -6.79
CA MET A 96 -15.34 5.39 -7.76
C MET A 96 -16.71 5.73 -7.17
N ILE A 97 -17.52 4.72 -6.89
CA ILE A 97 -18.91 4.93 -6.43
C ILE A 97 -19.67 5.59 -7.60
N LEU A 98 -19.44 5.00 -8.77
CA LEU A 98 -20.04 5.27 -10.10
C LEU A 98 -19.01 4.83 -11.16
N PRO A 99 -19.33 3.75 -11.90
CA PRO A 99 -18.38 2.92 -12.65
C PRO A 99 -17.66 3.58 -13.81
N LEU A 100 -16.33 3.49 -13.82
CA LEU A 100 -15.49 4.13 -14.84
C LEU A 100 -14.48 3.11 -15.40
N THR A 101 -13.92 3.39 -16.57
CA THR A 101 -12.91 2.50 -17.15
C THR A 101 -11.50 3.09 -17.04
N GLY A 102 -10.50 2.21 -17.12
CA GLY A 102 -9.11 2.65 -17.16
C GLY A 102 -8.89 3.71 -18.23
N ALA A 103 -9.35 3.38 -19.44
CA ALA A 103 -9.36 4.29 -20.56
C ALA A 103 -9.98 5.64 -20.24
N GLN A 104 -11.25 5.60 -19.84
CA GLN A 104 -12.02 6.81 -19.52
C GLN A 104 -11.26 7.76 -18.60
N TYR A 105 -10.66 7.22 -17.55
CA TYR A 105 -9.98 8.04 -16.56
C TYR A 105 -8.65 8.54 -17.18
N SER A 106 -7.86 7.63 -17.72
CA SER A 106 -6.62 7.99 -18.42
C SER A 106 -6.74 9.22 -19.28
N GLU A 107 -7.64 9.14 -20.24
CA GLU A 107 -7.86 10.31 -21.07
C GLU A 107 -8.65 11.38 -20.29
N LYS A 108 -9.25 11.10 -19.12
CA LYS A 108 -9.83 12.21 -18.33
C LYS A 108 -8.69 13.16 -18.09
N VAL A 109 -7.52 12.63 -17.76
CA VAL A 109 -6.53 13.56 -17.23
C VAL A 109 -5.55 13.93 -18.29
N THR A 110 -5.44 13.10 -19.31
CA THR A 110 -4.31 13.25 -20.20
C THR A 110 -4.33 14.60 -20.92
N GLU A 111 -5.43 14.87 -21.61
CA GLU A 111 -5.48 16.01 -22.48
C GLU A 111 -5.24 17.25 -21.65
N ASN A 112 -6.12 17.59 -20.71
CA ASN A 112 -5.96 18.82 -19.93
C ASN A 112 -4.50 19.15 -19.57
N CYS A 113 -3.75 18.16 -19.05
CA CYS A 113 -2.30 18.36 -18.88
C CYS A 113 -1.63 18.78 -20.18
N VAL A 114 -1.81 17.99 -21.24
CA VAL A 114 -1.14 18.27 -22.52
C VAL A 114 -1.82 19.37 -23.35
N ALA A 115 -2.76 20.08 -22.72
CA ALA A 115 -3.44 21.20 -23.32
C ALA A 115 -2.67 22.38 -22.81
N TYR A 116 -2.56 22.37 -21.49
CA TYR A 116 -1.63 23.25 -20.84
C TYR A 116 -0.25 23.16 -21.52
N TRP A 117 0.28 21.95 -21.64
CA TRP A 117 1.60 21.71 -22.22
C TRP A 117 1.60 22.06 -23.72
N LYS A 118 0.46 21.84 -24.38
CA LYS A 118 0.23 22.27 -25.78
C LYS A 118 0.63 23.72 -26.00
N ALA A 119 0.00 24.61 -25.23
CA ALA A 119 0.32 26.03 -25.37
C ALA A 119 1.73 26.30 -24.87
N VAL A 120 1.88 26.41 -23.55
CA VAL A 120 3.14 26.74 -22.89
C VAL A 120 4.25 25.73 -23.19
N TYR A 123 6.18 20.99 -24.47
CA TYR A 123 5.66 19.64 -24.66
C TYR A 123 6.77 18.65 -24.97
N THR A 124 7.84 18.68 -24.17
CA THR A 124 8.99 17.81 -24.42
C THR A 124 8.53 16.35 -24.46
N ASP A 125 9.16 15.57 -25.34
CA ASP A 125 8.85 14.16 -25.55
C ASP A 125 8.61 13.38 -24.26
N ALA A 126 9.47 13.59 -23.27
CA ALA A 126 9.39 12.92 -21.97
C ALA A 126 7.96 12.89 -21.41
N GLU A 127 7.22 13.96 -21.69
CA GLU A 127 5.81 14.06 -21.38
C GLU A 127 4.94 13.18 -22.27
N ALA A 128 5.26 13.10 -23.57
CA ALA A 128 4.50 12.25 -24.49
C ALA A 128 4.66 10.78 -24.12
N ALA A 129 5.91 10.37 -23.95
CA ALA A 129 6.27 9.03 -23.50
C ALA A 129 5.62 8.70 -22.16
N ALA A 130 5.76 9.61 -21.20
CA ALA A 130 5.15 9.40 -19.88
C ALA A 130 3.64 9.27 -19.98
N VAL A 131 3.04 10.04 -20.89
CA VAL A 131 1.60 10.03 -21.09
C VAL A 131 1.15 8.68 -21.65
N ASP A 132 1.91 8.13 -22.59
CA ASP A 132 1.57 6.83 -23.15
C ASP A 132 1.82 5.67 -22.18
N LYS A 133 2.83 5.82 -21.32
CA LYS A 133 3.06 4.85 -20.25
C LYS A 133 1.94 4.88 -19.21
N PHE A 134 1.43 6.07 -18.94
CA PHE A 134 0.29 6.27 -18.07
C PHE A 134 -0.96 5.60 -18.67
N LYS A 135 -1.25 6.01 -19.90
CA LYS A 135 -2.36 5.51 -20.69
C LYS A 135 -2.40 3.99 -20.78
N GLU A 136 -1.22 3.38 -21.00
CA GLU A 136 -1.11 1.93 -21.12
C GLU A 136 -1.15 1.25 -19.76
N ALA A 137 -0.69 1.98 -18.75
CA ALA A 137 -0.77 1.50 -17.38
C ALA A 137 -2.23 1.31 -16.99
N PHE A 138 -3.12 2.09 -17.59
CA PHE A 138 -4.54 1.96 -17.25
C PHE A 138 -5.42 1.10 -18.18
N LYS A 139 -5.02 0.95 -19.43
CA LYS A 139 -5.90 0.51 -20.54
C LYS A 139 -6.84 -0.68 -20.29
N THR A 140 -6.36 -1.73 -19.63
CA THR A 140 -7.17 -2.92 -19.46
C THR A 140 -7.82 -3.00 -18.08
N GLU A 141 -7.77 -1.90 -17.31
CA GLU A 141 -8.40 -1.93 -16.00
C GLU A 141 -9.83 -1.40 -16.05
N THR A 142 -10.63 -1.86 -15.09
CA THR A 142 -12.04 -1.49 -15.00
C THR A 142 -12.33 -1.10 -13.55
N PHE A 143 -13.11 -0.05 -13.34
CA PHE A 143 -13.38 0.42 -11.99
C PHE A 143 -14.86 0.52 -11.68
N PRO A 144 -15.41 -0.52 -11.06
CA PRO A 144 -16.77 -0.50 -10.52
C PRO A 144 -16.84 0.37 -9.26
N PRO A 145 -18.06 0.66 -8.78
CA PRO A 145 -18.25 1.31 -7.47
C PRO A 145 -17.44 0.64 -6.36
N GLY A 146 -16.71 1.44 -5.60
CA GLY A 146 -15.92 0.93 -4.48
C GLY A 146 -14.45 0.82 -4.79
N ALA A 147 -14.12 0.60 -6.06
CA ALA A 147 -12.73 0.45 -6.48
C ALA A 147 -11.97 1.75 -6.30
N SER A 148 -10.64 1.65 -6.24
CA SER A 148 -9.80 2.80 -5.97
C SER A 148 -8.54 2.81 -6.81
N ILE A 149 -8.15 4.00 -7.23
CA ILE A 149 -6.85 4.25 -7.82
C ILE A 149 -5.98 4.92 -6.79
N LEU A 150 -4.74 4.45 -6.67
CA LEU A 150 -3.84 4.93 -5.65
C LEU A 150 -2.58 5.51 -6.30
N PHE A 151 -2.48 6.84 -6.25
CA PHE A 151 -1.34 7.54 -6.87
C PHE A 151 -0.36 8.03 -5.82
N THR A 152 0.91 7.65 -5.96
CA THR A 152 1.95 8.14 -5.08
C THR A 152 2.90 9.07 -5.84
N HIS A 153 3.08 10.27 -5.31
CA HIS A 153 3.95 11.27 -5.92
C HIS A 153 5.19 11.50 -5.06
N SER A 154 6.36 11.08 -5.54
CA SER A 154 7.63 11.34 -4.84
C SER A 154 8.02 12.82 -5.04
N PRO A 155 8.87 13.36 -4.15
CA PRO A 155 9.33 14.75 -4.24
C PRO A 155 9.83 15.18 -5.63
N ALA A 156 10.63 14.34 -6.27
CA ALA A 156 11.24 14.69 -7.56
C ALA A 156 10.29 14.49 -8.73
N GLY A 157 9.17 13.81 -8.48
CA GLY A 157 8.14 13.67 -9.49
C GLY A 157 8.04 12.31 -10.16
N VAL A 158 8.37 11.26 -9.42
CA VAL A 158 8.15 9.91 -9.91
C VAL A 158 6.79 9.43 -9.45
N LEU A 159 5.96 8.98 -10.39
CA LEU A 159 4.59 8.60 -10.09
C LEU A 159 4.42 7.08 -10.01
N THR A 160 3.92 6.62 -8.86
CA THR A 160 3.65 5.20 -8.66
C THR A 160 2.15 4.95 -8.68
N VAL A 161 1.70 4.02 -9.52
CA VAL A 161 0.27 3.77 -9.68
C VAL A 161 -0.10 2.40 -9.12
N ALA A 162 -1.23 2.36 -8.41
CA ALA A 162 -1.74 1.10 -7.88
C ALA A 162 -3.27 1.07 -7.96
N PHE A 163 -3.85 -0.13 -7.92
CA PHE A 163 -5.30 -0.27 -7.94
C PHE A 163 -5.77 -1.13 -6.77
N SER A 164 -6.97 -0.85 -6.28
CA SER A 164 -7.49 -1.57 -5.12
C SER A 164 -9.00 -1.77 -5.20
N LYS A 165 -9.43 -3.01 -5.40
CA LYS A 165 -10.85 -3.32 -5.48
C LYS A 165 -11.33 -4.06 -4.25
N ASN A 166 -10.45 -4.21 -3.26
CA ASN A 166 -10.77 -4.97 -2.06
C ASN A 166 -9.82 -4.68 -0.90
N SER A 167 -9.82 -5.57 0.09
CA SER A 167 -9.01 -5.40 1.29
C SER A 167 -7.61 -5.98 1.14
N SER A 168 -7.33 -6.56 -0.02
CA SER A 168 -6.02 -7.15 -0.27
C SER A 168 -4.97 -6.07 -0.53
N VAL A 169 -3.71 -6.47 -0.50
CA VAL A 169 -2.61 -5.58 -0.87
C VAL A 169 -2.89 -5.03 -2.27
N PRO A 170 -2.74 -3.70 -2.44
CA PRO A 170 -2.97 -3.06 -3.74
C PRO A 170 -2.28 -3.76 -4.90
N GLU A 171 -2.94 -3.85 -6.04
CA GLU A 171 -2.33 -4.44 -7.23
C GLU A 171 -1.56 -3.36 -7.98
N SER A 172 -0.41 -3.75 -8.54
CA SER A 172 0.44 -2.81 -9.25
C SER A 172 -0.21 -2.28 -10.53
N GLY A 173 0.17 -1.07 -10.91
CA GLY A 173 -0.24 -0.50 -12.18
C GLY A 173 0.94 -0.44 -13.13
N GLY A 174 1.97 -1.22 -12.81
CA GLY A 174 3.16 -1.27 -13.63
C GLY A 174 4.29 -0.43 -13.06
N ALA A 175 5.35 -0.29 -13.84
CA ALA A 175 6.54 0.45 -13.42
C ALA A 175 6.21 1.90 -13.07
N ALA A 176 6.98 2.46 -12.14
CA ALA A 176 6.83 3.87 -11.78
C ALA A 176 7.10 4.75 -12.99
N ILE A 177 6.36 5.85 -13.08
CA ILE A 177 6.50 6.79 -14.19
C ILE A 177 7.26 8.02 -13.71
N GLU A 178 8.47 8.22 -14.23
CA GLU A 178 9.29 9.31 -13.77
C GLU A 178 9.17 10.48 -14.75
N ASN A 179 8.43 11.49 -14.30
CA ASN A 179 8.18 12.71 -15.06
C ASN A 179 7.54 13.70 -14.11
N ARG A 180 8.27 14.78 -13.81
CA ARG A 180 7.76 15.78 -12.88
C ARG A 180 6.46 16.44 -13.36
N PRO A 181 6.41 16.91 -14.62
CA PRO A 181 5.17 17.53 -15.09
C PRO A 181 3.90 16.69 -14.91
N LEU A 182 3.93 15.41 -15.29
CA LEU A 182 2.74 14.56 -15.21
C LEU A 182 2.41 14.19 -13.77
N CYS A 183 3.44 13.91 -12.99
CA CYS A 183 3.29 13.55 -11.59
C CYS A 183 2.59 14.66 -10.83
N GLU A 184 3.05 15.90 -11.03
CA GLU A 184 2.42 17.05 -10.41
C GLU A 184 1.03 17.31 -11.02
N ALA A 185 0.91 17.08 -12.33
CA ALA A 185 -0.34 17.33 -13.06
C ALA A 185 -1.49 16.49 -12.51
N VAL A 186 -1.20 15.24 -12.17
CA VAL A 186 -2.22 14.32 -11.69
C VAL A 186 -2.87 14.83 -10.41
N LEU A 187 -2.08 15.42 -9.52
CA LEU A 187 -2.60 15.95 -8.26
C LEU A 187 -3.21 17.35 -8.42
N GLU A 188 -2.61 18.15 -9.28
CA GLU A 188 -3.11 19.50 -9.53
C GLU A 188 -4.47 19.45 -10.21
N SER A 189 -4.70 18.37 -10.97
CA SER A 189 -6.01 18.10 -11.56
C SER A 189 -7.10 18.08 -10.48
N ILE A 190 -6.68 17.78 -9.25
CA ILE A 190 -7.60 17.68 -8.13
C ILE A 190 -7.62 18.96 -7.31
N ILE A 191 -6.45 19.45 -6.91
CA ILE A 191 -6.40 20.58 -5.99
C ILE A 191 -5.87 21.88 -6.62
N GLY A 192 -5.68 21.89 -7.94
CA GLY A 192 -5.19 23.07 -8.63
C GLY A 192 -6.28 24.08 -8.88
N GLU A 193 -5.95 25.16 -9.60
CA GLU A 193 -6.89 26.23 -9.89
C GLU A 193 -8.18 25.72 -10.54
N HIS A 194 -8.02 24.87 -11.54
CA HIS A 194 -9.15 24.23 -12.19
C HIS A 194 -9.33 22.83 -11.62
N GLY A 195 -9.14 22.74 -10.31
CA GLY A 195 -9.19 21.49 -9.60
C GLY A 195 -10.57 20.86 -9.54
N VAL A 196 -10.63 19.63 -10.03
CA VAL A 196 -11.88 18.87 -10.16
C VAL A 196 -12.69 18.75 -8.86
N SER A 197 -12.00 18.77 -7.71
CA SER A 197 -12.70 18.71 -6.42
C SER A 197 -12.41 19.91 -5.53
N PRO A 198 -13.26 20.96 -5.62
CA PRO A 198 -13.20 22.13 -4.75
C PRO A 198 -13.30 21.79 -3.26
N ALA A 199 -14.16 20.82 -2.94
CA ALA A 199 -14.37 20.38 -1.57
C ALA A 199 -13.09 19.85 -0.94
N ALA A 200 -12.31 19.13 -1.74
CA ALA A 200 -11.05 18.57 -1.25
C ALA A 200 -10.08 19.68 -0.86
N LYS A 201 -10.05 20.76 -1.66
CA LYS A 201 -9.23 21.92 -1.33
C LYS A 201 -9.69 22.57 -0.04
N LEU A 202 -10.99 22.82 0.07
CA LEU A 202 -11.55 23.43 1.28
C LEU A 202 -11.14 22.64 2.53
N SER A 203 -11.38 21.34 2.48
CA SER A 203 -10.99 20.40 3.53
C SER A 203 -9.49 20.49 3.85
N LEU A 204 -8.69 20.47 2.79
CA LEU A 204 -7.23 20.54 2.85
C LEU A 204 -6.75 21.79 3.60
N ALA A 205 -7.26 22.94 3.19
CA ALA A 205 -6.91 24.22 3.81
C ALA A 205 -7.29 24.21 5.29
N THR A 206 -8.53 23.79 5.57
CA THR A 206 -9.01 23.73 6.95
C THR A 206 -8.10 22.90 7.86
N ARG A 207 -7.75 21.70 7.41
CA ARG A 207 -6.97 20.79 8.24
C ARG A 207 -5.50 21.19 8.35
N VAL A 208 -4.88 21.54 7.23
CA VAL A 208 -3.47 21.93 7.22
C VAL A 208 -3.23 23.21 8.04
N ALA A 209 -4.18 24.15 8.00
CA ALA A 209 -4.06 25.37 8.81
C ALA A 209 -3.92 25.04 10.30
N GLU A 210 -4.83 24.22 10.81
CA GLU A 210 -4.80 23.79 12.20
C GLU A 210 -3.54 22.98 12.50
N LEU A 211 -3.05 22.24 11.51
CA LEU A 211 -1.84 21.47 11.71
C LEU A 211 -0.59 22.34 11.87
N LEU A 212 -0.48 23.37 11.04
CA LEU A 212 0.65 24.30 11.16
C LEU A 212 0.55 25.14 12.42
N LYS A 213 -0.66 25.52 12.81
CA LYS A 213 -0.79 26.23 14.09
C LYS A 213 -0.35 25.33 15.23
N GLU A 214 -0.86 24.10 15.23
CA GLU A 214 -0.47 23.07 16.19
C GLU A 214 1.05 22.93 16.29
N ALA A 215 1.68 22.75 15.15
CA ALA A 215 3.10 22.46 15.09
C ALA A 215 3.95 23.73 15.26
N ALA A 216 3.38 24.88 14.92
CA ALA A 216 4.08 26.14 15.15
C ALA A 216 3.95 26.55 16.61
N SER A 217 4.89 26.08 17.41
CA SER A 217 5.03 26.45 18.83
C SER A 217 3.82 26.04 19.65
N ALA B 2 5.53 -13.80 -15.47
CA ALA B 2 4.27 -14.49 -15.75
C ALA B 2 3.30 -14.34 -14.59
N VAL B 3 3.18 -15.40 -13.79
CA VAL B 3 2.52 -15.37 -12.48
C VAL B 3 1.01 -15.08 -12.52
N SER B 4 0.25 -15.91 -11.79
CA SER B 4 -1.20 -15.81 -11.77
C SER B 4 -1.73 -15.30 -10.42
N GLU B 5 -2.97 -14.84 -10.39
CA GLU B 5 -3.62 -14.47 -9.14
C GLU B 5 -4.22 -15.70 -8.50
N LEU B 6 -4.27 -15.75 -7.17
CA LEU B 6 -4.84 -16.95 -6.51
C LEU B 6 -5.96 -16.61 -5.55
N GLU B 7 -6.93 -17.51 -5.43
CA GLU B 7 -8.01 -17.30 -4.47
C GLU B 7 -8.02 -18.36 -3.38
N VAL B 8 -7.87 -17.92 -2.14
CA VAL B 8 -7.94 -18.80 -0.98
C VAL B 8 -9.20 -18.49 -0.20
N ASP B 9 -10.04 -19.50 0.00
CA ASP B 9 -11.39 -19.31 0.53
C ASP B 9 -12.10 -18.30 -0.38
N GLY B 10 -12.36 -17.11 0.12
CA GLY B 10 -12.99 -16.08 -0.68
C GLY B 10 -11.93 -15.10 -1.14
N VAL B 11 -10.92 -14.91 -0.30
CA VAL B 11 -9.86 -13.93 -0.52
C VAL B 11 -9.19 -14.08 -1.88
N VAL B 12 -9.06 -12.95 -2.58
CA VAL B 12 -8.41 -12.91 -3.88
C VAL B 12 -7.10 -12.13 -3.82
N PHE B 13 -6.01 -12.84 -4.09
CA PHE B 13 -4.67 -12.28 -4.08
C PHE B 13 -4.21 -11.94 -5.48
N PRO B 14 -3.89 -10.64 -5.71
CA PRO B 14 -3.41 -10.11 -6.99
C PRO B 14 -2.05 -10.69 -7.37
N SER B 15 -1.84 -10.90 -8.67
CA SER B 15 -0.62 -11.52 -9.16
C SER B 15 0.62 -10.65 -8.91
N LEU B 16 0.56 -9.40 -9.34
CA LEU B 16 1.62 -8.44 -9.07
C LEU B 16 1.09 -7.34 -8.14
N ALA B 17 1.87 -6.99 -7.12
CA ALA B 17 1.38 -6.05 -6.11
C ALA B 17 2.37 -4.92 -5.85
N ARG B 18 1.87 -3.84 -5.28
CA ARG B 18 2.72 -2.79 -4.74
C ARG B 18 2.35 -2.59 -3.28
N PRO B 19 3.14 -3.21 -2.39
CA PRO B 19 2.92 -3.15 -0.94
C PRO B 19 3.20 -1.78 -0.35
N PRO B 20 2.56 -1.47 0.78
CA PRO B 20 2.87 -0.29 1.59
C PRO B 20 4.27 -0.39 2.18
N GLY B 21 5.02 0.70 2.17
CA GLY B 21 6.35 0.71 2.73
C GLY B 21 7.40 0.13 1.81
N SER B 22 7.08 0.07 0.52
CA SER B 22 7.94 -0.59 -0.45
C SER B 22 7.97 0.14 -1.79
N ALA B 23 9.17 0.28 -2.36
CA ALA B 23 9.33 1.00 -3.61
C ALA B 23 9.29 0.08 -4.83
N HIS B 24 9.18 -1.22 -4.58
CA HIS B 24 9.22 -2.20 -5.67
C HIS B 24 7.91 -2.95 -5.79
N SER B 25 7.65 -3.48 -6.97
CA SER B 25 6.50 -4.37 -7.15
C SER B 25 6.86 -5.76 -6.62
N HIS B 26 5.84 -6.48 -6.15
CA HIS B 26 6.03 -7.83 -5.63
C HIS B 26 5.17 -8.81 -6.42
N PHE B 27 5.69 -10.00 -6.70
CA PHE B 27 4.88 -11.02 -7.34
C PHE B 27 4.35 -11.99 -6.30
N LEU B 28 3.15 -12.51 -6.56
CA LEU B 28 2.55 -13.49 -5.66
C LEU B 28 3.33 -14.79 -5.71
N ALA B 29 4.10 -15.04 -4.66
CA ALA B 29 4.91 -16.24 -4.58
C ALA B 29 4.07 -17.43 -4.18
N GLY B 30 3.21 -17.26 -3.17
CA GLY B 30 2.36 -18.36 -2.76
C GLY B 30 1.20 -17.92 -1.92
N ALA B 31 0.19 -18.78 -1.78
CA ALA B 31 -0.94 -18.46 -0.92
C ALA B 31 -1.62 -19.72 -0.41
N GLY B 32 -2.18 -19.64 0.80
CA GLY B 32 -2.83 -20.79 1.37
C GLY B 32 -3.53 -20.53 2.69
N VAL B 33 -4.39 -21.46 3.07
CA VAL B 33 -5.14 -21.36 4.30
C VAL B 33 -4.25 -21.60 5.52
N ARG B 34 -4.59 -20.91 6.60
CA ARG B 34 -4.04 -21.11 7.93
C ARG B 34 -5.18 -21.47 8.87
N GLY B 35 -5.04 -22.58 9.58
CA GLY B 35 -6.10 -23.02 10.46
C GLY B 35 -5.65 -23.73 11.73
N MET B 36 -6.62 -24.28 12.47
CA MET B 36 -6.35 -24.98 13.71
C MET B 36 -6.92 -26.39 13.67
N GLU B 37 -6.36 -27.26 14.50
CA GLU B 37 -6.91 -28.60 14.67
C GLU B 37 -7.61 -28.68 16.01
N ILE B 38 -8.93 -28.50 15.99
CA ILE B 38 -9.70 -28.65 17.22
C ILE B 38 -10.68 -29.81 17.08
N GLY B 39 -10.59 -30.74 18.02
CA GLY B 39 -11.46 -31.91 18.04
C GLY B 39 -11.37 -32.73 16.77
N GLY B 40 -10.17 -32.85 16.22
CA GLY B 40 -9.95 -33.61 15.01
C GLY B 40 -10.52 -32.95 13.78
N ASN B 41 -10.85 -31.66 13.91
CA ASN B 41 -11.36 -30.90 12.77
C ASN B 41 -10.44 -29.75 12.40
N PHE B 42 -10.28 -29.51 11.11
CA PHE B 42 -9.47 -28.41 10.63
C PHE B 42 -10.29 -27.17 10.40
N ILE B 43 -10.33 -26.28 11.40
CA ILE B 43 -11.05 -25.03 11.23
C ILE B 43 -10.16 -23.99 10.60
N LYS B 44 -10.66 -23.36 9.54
CA LYS B 44 -9.90 -22.34 8.86
C LYS B 44 -10.03 -21.01 9.57
N PHE B 45 -8.90 -20.41 9.93
CA PHE B 45 -8.90 -19.11 10.59
C PHE B 45 -8.56 -17.98 9.62
N THR B 46 -7.42 -18.07 8.94
CA THR B 46 -7.03 -16.99 8.02
C THR B 46 -6.51 -17.49 6.68
N ALA B 47 -6.38 -16.56 5.74
CA ALA B 47 -5.81 -16.85 4.43
C ALA B 47 -4.57 -16.01 4.24
N ILE B 48 -3.45 -16.67 3.94
CA ILE B 48 -2.18 -15.96 3.89
C ILE B 48 -1.57 -15.95 2.48
N GLY B 49 -1.13 -14.77 2.07
CA GLY B 49 -0.43 -14.59 0.81
C GLY B 49 0.99 -14.13 1.05
N VAL B 50 1.92 -14.68 0.28
CA VAL B 50 3.33 -14.37 0.38
C VAL B 50 3.86 -13.87 -0.95
N TYR B 51 4.42 -12.66 -0.90
CA TYR B 51 4.94 -11.92 -2.04
C TYR B 51 6.44 -11.70 -1.93
N LEU B 52 7.12 -11.72 -3.07
CA LEU B 52 8.57 -11.52 -3.13
C LEU B 52 8.91 -10.43 -4.14
N GLN B 53 10.06 -9.78 -3.96
CA GLN B 53 10.46 -8.65 -4.81
C GLN B 53 10.50 -9.03 -6.27
N ALA B 54 9.96 -8.16 -7.12
CA ALA B 54 9.65 -8.52 -8.50
C ALA B 54 10.83 -9.10 -9.32
N ASP B 55 12.07 -8.67 -9.10
CA ASP B 55 13.21 -9.27 -9.84
C ASP B 55 14.41 -9.67 -8.96
N ALA B 56 14.54 -9.03 -7.80
CA ALA B 56 15.57 -9.41 -6.85
C ALA B 56 15.45 -10.87 -6.49
N ALA B 57 14.29 -11.25 -5.97
CA ALA B 57 13.95 -12.65 -5.80
C ALA B 57 13.80 -13.31 -7.16
N VAL B 58 14.08 -14.62 -7.20
CA VAL B 58 14.19 -15.47 -8.40
C VAL B 58 15.62 -15.45 -8.93
N SER B 59 16.17 -14.26 -9.14
CA SER B 59 17.59 -14.15 -9.48
C SER B 59 18.42 -14.63 -8.30
N ALA B 60 18.04 -14.16 -7.11
CA ALA B 60 18.74 -14.51 -5.87
C ALA B 60 18.58 -15.99 -5.53
N LEU B 61 17.36 -16.51 -5.67
CA LEU B 61 17.07 -17.90 -5.33
C LEU B 61 17.74 -18.87 -6.31
N ALA B 62 17.72 -18.51 -7.60
CA ALA B 62 18.21 -19.37 -8.68
C ALA B 62 19.61 -19.92 -8.47
N LYS B 63 20.37 -19.32 -7.57
CA LYS B 63 21.75 -19.72 -7.38
C LYS B 63 21.89 -21.02 -6.58
N LYS B 64 20.92 -21.31 -5.71
CA LYS B 64 20.98 -22.58 -5.00
C LYS B 64 19.80 -23.48 -5.32
N TRP B 65 18.80 -22.93 -5.99
CA TRP B 65 17.55 -23.65 -6.18
C TRP B 65 17.07 -23.77 -7.61
N ALA B 66 17.84 -23.28 -8.58
CA ALA B 66 17.48 -23.48 -9.98
C ALA B 66 17.50 -24.95 -10.34
N GLY B 67 16.60 -25.35 -11.23
CA GLY B 67 16.57 -26.72 -11.71
C GLY B 67 15.79 -27.67 -10.81
N LYS B 68 15.72 -27.36 -9.54
CA LYS B 68 15.02 -28.21 -8.58
C LYS B 68 13.51 -28.11 -8.78
N ALA B 69 12.82 -29.22 -8.55
CA ALA B 69 11.37 -29.28 -8.80
C ALA B 69 10.57 -28.98 -7.54
N ALA B 70 9.25 -28.92 -7.71
CA ALA B 70 8.33 -28.54 -6.63
C ALA B 70 8.50 -29.38 -5.37
N ASP B 71 8.46 -30.69 -5.53
CA ASP B 71 8.61 -31.62 -4.40
C ASP B 71 9.97 -31.46 -3.73
N GLU B 72 11.01 -31.27 -4.54
CA GLU B 72 12.36 -31.10 -4.03
C GLU B 72 12.48 -29.84 -3.17
N LEU B 73 11.95 -28.74 -3.67
CA LEU B 73 11.97 -27.48 -2.94
C LEU B 73 11.12 -27.56 -1.68
N ALA B 74 10.01 -28.29 -1.77
CA ALA B 74 9.08 -28.43 -0.65
C ALA B 74 9.70 -29.23 0.49
N SER B 75 10.54 -30.18 0.14
CA SER B 75 11.13 -31.10 1.11
C SER B 75 12.44 -30.58 1.70
N ASP B 76 12.75 -29.31 1.45
CA ASP B 76 14.02 -28.73 1.90
C ASP B 76 13.78 -27.48 2.73
N ALA B 77 14.17 -27.55 4.00
CA ALA B 77 14.03 -26.43 4.93
C ALA B 77 14.91 -25.25 4.54
N ALA B 78 16.10 -25.57 4.01
CA ALA B 78 17.05 -24.54 3.64
C ALA B 78 16.45 -23.60 2.60
N PHE B 79 15.55 -24.12 1.77
CA PHE B 79 14.86 -23.28 0.79
C PHE B 79 14.03 -22.21 1.48
N PHE B 80 13.19 -22.64 2.40
CA PHE B 80 12.26 -21.74 3.07
C PHE B 80 12.99 -20.79 4.00
N ARG B 81 14.13 -21.22 4.53
CA ARG B 81 14.96 -20.31 5.31
C ARG B 81 15.64 -19.31 4.39
N ASP B 82 15.91 -19.72 3.15
CA ASP B 82 16.52 -18.82 2.17
C ASP B 82 15.55 -17.74 1.73
N VAL B 83 14.28 -18.10 1.53
CA VAL B 83 13.29 -17.09 1.18
C VAL B 83 12.99 -16.21 2.39
N VAL B 84 12.97 -16.80 3.58
CA VAL B 84 12.77 -16.01 4.80
C VAL B 84 13.89 -14.98 5.00
N THR B 85 15.13 -15.39 4.73
CA THR B 85 16.30 -14.53 4.99
C THR B 85 16.83 -13.81 3.75
N GLY B 86 16.23 -14.06 2.59
CA GLY B 86 16.73 -13.55 1.33
C GLY B 86 17.07 -12.07 1.32
N GLU B 87 18.10 -11.70 0.57
CA GLU B 87 18.55 -10.32 0.48
C GLU B 87 17.65 -9.51 -0.47
N PHE B 88 16.36 -9.52 -0.17
CA PHE B 88 15.36 -8.83 -0.98
C PHE B 88 14.12 -8.59 -0.15
N GLU B 89 13.23 -7.74 -0.66
CA GLU B 89 12.00 -7.40 0.05
C GLU B 89 10.99 -8.55 0.01
N LYS B 90 10.33 -8.78 1.13
CA LYS B 90 9.23 -9.74 1.18
C LYS B 90 7.97 -9.02 1.64
N PHE B 91 6.81 -9.63 1.40
CA PHE B 91 5.56 -9.06 1.90
C PHE B 91 4.57 -10.16 2.24
N THR B 92 3.79 -9.96 3.31
CA THR B 92 2.80 -10.94 3.73
C THR B 92 1.43 -10.31 3.93
N GLN B 93 0.41 -10.94 3.36
CA GLN B 93 -0.97 -10.53 3.59
C GLN B 93 -1.70 -11.58 4.43
N VAL B 94 -2.28 -11.15 5.54
CA VAL B 94 -3.06 -12.05 6.37
C VAL B 94 -4.52 -11.60 6.40
N THR B 95 -5.36 -12.25 5.60
CA THR B 95 -6.77 -11.88 5.53
C THR B 95 -7.60 -12.79 6.44
N MET B 96 -8.59 -12.22 7.12
CA MET B 96 -9.36 -12.97 8.11
C MET B 96 -10.54 -13.73 7.51
N ILE B 97 -10.69 -14.99 7.93
CA ILE B 97 -11.88 -15.77 7.64
C ILE B 97 -12.75 -15.74 8.89
N LEU B 98 -12.13 -16.11 10.01
CA LEU B 98 -12.72 -15.96 11.33
C LEU B 98 -12.27 -14.63 11.93
N PRO B 99 -13.02 -14.11 12.91
CA PRO B 99 -12.65 -12.86 13.59
C PRO B 99 -11.59 -13.05 14.67
N LEU B 100 -10.54 -12.22 14.62
CA LEU B 100 -9.53 -12.18 15.68
C LEU B 100 -9.36 -10.77 16.21
N THR B 101 -8.83 -10.66 17.43
CA THR B 101 -8.48 -9.36 17.99
C THR B 101 -6.98 -9.14 17.88
N GLY B 102 -6.58 -7.87 17.80
CA GLY B 102 -5.18 -7.53 17.67
C GLY B 102 -4.36 -8.04 18.83
N ALA B 103 -4.96 -8.03 20.02
CA ALA B 103 -4.29 -8.51 21.23
C ALA B 103 -3.94 -9.99 21.14
N GLN B 104 -4.90 -10.84 20.76
CA GLN B 104 -4.66 -12.28 20.72
C GLN B 104 -3.62 -12.65 19.63
N TYR B 105 -3.82 -12.05 18.45
CA TYR B 105 -2.91 -12.17 17.32
C TYR B 105 -1.47 -11.85 17.73
N SER B 106 -1.30 -10.64 18.27
CA SER B 106 -0.02 -10.22 18.81
C SER B 106 0.46 -11.29 19.75
N GLU B 107 -0.42 -11.63 20.68
CA GLU B 107 -0.05 -12.44 21.82
C GLU B 107 0.71 -13.67 21.37
N LYS B 108 0.16 -14.47 20.44
CA LYS B 108 0.94 -15.65 20.07
C LYS B 108 1.65 -15.71 18.70
N VAL B 109 1.75 -14.56 18.01
CA VAL B 109 2.86 -14.43 17.06
C VAL B 109 4.11 -14.03 17.86
N THR B 110 3.88 -13.40 19.01
CA THR B 110 4.96 -12.84 19.81
C THR B 110 5.50 -13.86 20.80
N GLU B 111 4.63 -14.59 21.48
CA GLU B 111 5.08 -15.41 22.61
C GLU B 111 5.98 -16.58 22.18
N ASN B 112 5.86 -17.01 20.93
CA ASN B 112 6.69 -18.10 20.43
C ASN B 112 8.07 -17.62 19.99
N CYS B 113 8.11 -16.44 19.37
CA CYS B 113 9.37 -15.75 19.11
C CYS B 113 10.09 -15.48 20.42
N VAL B 114 9.31 -15.02 21.39
CA VAL B 114 9.80 -14.77 22.74
C VAL B 114 10.41 -16.04 23.30
N ALA B 115 9.64 -17.12 23.36
CA ALA B 115 10.10 -18.40 23.91
C ALA B 115 11.41 -18.88 23.27
N TYR B 116 11.42 -18.95 21.94
CA TYR B 116 12.61 -19.39 21.21
C TYR B 116 13.80 -18.51 21.59
N TRP B 117 13.65 -17.20 21.45
CA TRP B 117 14.75 -16.30 21.79
C TRP B 117 15.21 -16.46 23.25
N LYS B 118 14.28 -16.83 24.12
CA LYS B 118 14.60 -17.09 25.52
C LYS B 118 15.58 -18.25 25.61
N ALA B 119 15.25 -19.33 24.91
CA ALA B 119 16.07 -20.55 24.94
C ALA B 119 17.55 -20.29 24.66
N VAL B 120 17.84 -19.43 23.69
CA VAL B 120 19.23 -19.15 23.30
C VAL B 120 19.83 -18.07 24.20
N TYR B 123 17.90 -13.16 22.72
CA TYR B 123 16.86 -12.28 23.24
C TYR B 123 17.46 -11.11 24.01
N THR B 124 17.66 -9.99 23.34
CA THR B 124 18.24 -8.81 23.98
C THR B 124 17.14 -7.87 24.47
N ASP B 125 17.49 -6.59 24.59
CA ASP B 125 16.52 -5.56 24.93
C ASP B 125 15.91 -4.98 23.66
N ALA B 126 16.67 -5.05 22.56
CA ALA B 126 16.18 -4.64 21.25
C ALA B 126 14.97 -5.50 20.86
N GLU B 127 15.06 -6.78 21.16
CA GLU B 127 14.00 -7.74 20.89
C GLU B 127 12.74 -7.41 21.70
N ALA B 128 12.94 -7.17 22.99
CA ALA B 128 11.84 -6.82 23.89
C ALA B 128 11.16 -5.52 23.44
N ALA B 129 11.97 -4.53 23.07
CA ALA B 129 11.45 -3.25 22.60
C ALA B 129 10.64 -3.42 21.32
N ALA B 130 11.20 -4.17 20.37
CA ALA B 130 10.52 -4.44 19.10
C ALA B 130 9.18 -5.11 19.34
N VAL B 131 9.17 -6.09 20.24
CA VAL B 131 7.94 -6.80 20.60
C VAL B 131 6.90 -5.84 21.21
N ASP B 132 7.37 -4.96 22.09
CA ASP B 132 6.48 -3.99 22.73
C ASP B 132 5.84 -3.05 21.71
N LYS B 133 6.64 -2.57 20.76
CA LYS B 133 6.11 -1.72 19.69
C LYS B 133 5.13 -2.50 18.80
N PHE B 134 5.41 -3.78 18.60
CA PHE B 134 4.55 -4.65 17.82
C PHE B 134 3.14 -4.76 18.44
N LYS B 135 3.10 -5.18 19.70
CA LYS B 135 1.80 -5.36 20.34
C LYS B 135 1.09 -4.04 20.63
N GLU B 136 1.82 -2.95 20.91
CA GLU B 136 1.15 -1.66 21.05
C GLU B 136 0.58 -1.24 19.70
N ALA B 137 1.23 -1.68 18.63
CA ALA B 137 0.71 -1.47 17.30
C ALA B 137 -0.61 -2.23 17.14
N PHE B 138 -0.74 -3.37 17.81
CA PHE B 138 -1.94 -4.20 17.59
C PHE B 138 -3.13 -4.17 18.56
N LYS B 139 -2.99 -3.64 19.77
CA LYS B 139 -4.00 -3.92 20.80
C LYS B 139 -5.31 -3.10 20.86
N THR B 140 -5.41 -2.00 20.12
CA THR B 140 -6.68 -1.31 20.02
C THR B 140 -7.37 -1.65 18.68
N GLU B 141 -6.95 -2.74 18.03
CA GLU B 141 -7.51 -3.05 16.71
C GLU B 141 -8.38 -4.32 16.67
N THR B 142 -9.27 -4.35 15.68
CA THR B 142 -10.25 -5.42 15.49
C THR B 142 -10.17 -5.93 14.04
N PHE B 143 -10.38 -7.22 13.82
CA PHE B 143 -10.31 -7.79 12.47
C PHE B 143 -11.49 -8.70 12.20
N PRO B 144 -12.50 -8.19 11.49
CA PRO B 144 -13.61 -9.00 11.00
C PRO B 144 -13.23 -9.78 9.75
N PRO B 145 -14.06 -10.74 9.33
CA PRO B 145 -13.85 -11.39 8.03
C PRO B 145 -13.66 -10.39 6.91
N GLY B 146 -12.58 -10.55 6.14
CA GLY B 146 -12.29 -9.63 5.06
C GLY B 146 -11.22 -8.63 5.44
N ALA B 147 -11.09 -8.34 6.73
CA ALA B 147 -10.05 -7.45 7.20
C ALA B 147 -8.67 -8.07 6.95
N SER B 148 -7.72 -7.25 6.52
CA SER B 148 -6.38 -7.77 6.23
C SER B 148 -5.31 -7.11 7.08
N ILE B 149 -4.25 -7.86 7.34
CA ILE B 149 -3.05 -7.31 7.93
C ILE B 149 -1.95 -7.35 6.88
N LEU B 150 -1.28 -6.22 6.68
CA LEU B 150 -0.24 -6.11 5.66
C LEU B 150 1.14 -5.94 6.30
N PHE B 151 2.00 -6.94 6.12
CA PHE B 151 3.35 -6.94 6.65
C PHE B 151 4.39 -6.73 5.56
N THR B 152 5.23 -5.70 5.68
CA THR B 152 6.32 -5.54 4.73
C THR B 152 7.66 -5.81 5.38
N HIS B 153 8.40 -6.77 4.83
CA HIS B 153 9.70 -7.16 5.34
C HIS B 153 10.82 -6.67 4.42
N SER B 154 11.32 -5.45 4.68
CA SER B 154 12.36 -4.86 3.85
C SER B 154 13.71 -5.54 4.09
N PRO B 155 14.57 -5.60 3.04
CA PRO B 155 15.91 -6.14 3.28
C PRO B 155 16.70 -5.14 4.10
N ALA B 156 16.67 -5.35 5.42
CA ALA B 156 17.25 -4.47 6.42
C ALA B 156 16.79 -5.00 7.76
N GLY B 157 15.59 -5.55 7.77
CA GLY B 157 14.97 -6.04 8.98
C GLY B 157 13.93 -5.05 9.47
N VAL B 158 13.56 -4.10 8.61
CA VAL B 158 12.50 -3.15 8.94
C VAL B 158 11.14 -3.75 8.60
N LEU B 159 10.27 -3.78 9.61
CA LEU B 159 8.94 -4.34 9.46
C LEU B 159 7.89 -3.23 9.41
N THR B 160 7.16 -3.17 8.30
CA THR B 160 6.09 -2.19 8.16
C THR B 160 4.75 -2.85 8.38
N VAL B 161 3.94 -2.27 9.27
CA VAL B 161 2.63 -2.82 9.60
C VAL B 161 1.50 -1.92 9.14
N ALA B 162 0.67 -2.43 8.23
CA ALA B 162 -0.52 -1.72 7.79
C ALA B 162 -1.76 -2.56 8.03
N PHE B 163 -2.91 -1.92 8.13
CA PHE B 163 -4.18 -2.63 8.28
C PHE B 163 -5.09 -2.27 7.12
N SER B 164 -5.94 -3.22 6.71
CA SER B 164 -6.81 -2.96 5.58
C SER B 164 -8.17 -3.63 5.71
N LYS B 165 -9.07 -2.96 6.42
CA LYS B 165 -10.49 -3.18 6.25
C LYS B 165 -10.82 -2.37 4.99
N ASN B 166 -11.81 -2.80 4.22
CA ASN B 166 -12.27 -2.11 3.01
C ASN B 166 -11.20 -1.81 1.95
N SER B 167 -11.56 -1.00 0.97
CA SER B 167 -10.78 -0.82 -0.26
C SER B 167 -9.92 0.45 -0.35
N SER B 168 -9.85 1.23 0.71
CA SER B 168 -9.06 2.45 0.68
C SER B 168 -7.57 2.13 0.87
N VAL B 169 -6.75 3.17 0.98
CA VAL B 169 -5.32 3.01 1.26
C VAL B 169 -5.15 2.24 2.57
N PRO B 170 -4.18 1.32 2.61
CA PRO B 170 -3.83 0.66 3.88
C PRO B 170 -3.57 1.67 4.99
N GLU B 171 -4.06 1.38 6.19
CA GLU B 171 -3.92 2.30 7.31
C GLU B 171 -2.70 1.95 8.17
N SER B 172 -1.95 2.97 8.56
CA SER B 172 -0.69 2.79 9.28
C SER B 172 -0.89 2.11 10.65
N GLY B 173 -0.09 1.08 10.90
CA GLY B 173 -0.13 0.38 12.17
C GLY B 173 0.81 1.01 13.18
N GLY B 174 1.38 2.15 12.81
CA GLY B 174 2.32 2.85 13.67
C GLY B 174 3.65 3.05 12.96
N ALA B 175 4.69 3.37 13.74
CA ALA B 175 6.02 3.53 13.18
C ALA B 175 6.58 2.18 12.73
N ALA B 176 7.43 2.20 11.73
CA ALA B 176 8.10 0.99 11.27
C ALA B 176 9.00 0.45 12.38
N ILE B 177 9.02 -0.87 12.51
CA ILE B 177 9.81 -1.51 13.55
C ILE B 177 11.10 -2.09 12.95
N GLU B 178 12.23 -1.50 13.31
CA GLU B 178 13.52 -1.92 12.77
C GLU B 178 14.23 -2.90 13.70
N ASN B 179 13.87 -4.18 13.55
CA ASN B 179 14.50 -5.26 14.28
C ASN B 179 14.48 -6.52 13.44
N ARG B 180 15.60 -6.80 12.78
CA ARG B 180 15.71 -7.93 11.85
C ARG B 180 15.21 -9.28 12.41
N PRO B 181 15.54 -9.59 13.69
CA PRO B 181 14.99 -10.84 14.24
C PRO B 181 13.46 -10.94 14.23
N LEU B 182 12.76 -9.89 14.67
CA LEU B 182 11.31 -9.92 14.70
C LEU B 182 10.73 -9.89 13.29
N CYS B 183 11.31 -9.04 12.45
CA CYS B 183 10.85 -8.89 11.07
C CYS B 183 10.92 -10.23 10.34
N GLU B 184 12.02 -10.96 10.53
CA GLU B 184 12.13 -12.27 9.94
C GLU B 184 11.21 -13.28 10.63
N ALA B 185 11.11 -13.17 11.94
CA ALA B 185 10.35 -14.13 12.75
C ALA B 185 8.87 -14.14 12.39
N VAL B 186 8.31 -12.96 12.15
CA VAL B 186 6.90 -12.83 11.76
C VAL B 186 6.60 -13.69 10.53
N LEU B 187 7.51 -13.64 9.56
CA LEU B 187 7.34 -14.39 8.32
C LEU B 187 7.67 -15.87 8.51
N GLU B 188 8.62 -16.16 9.39
CA GLU B 188 9.03 -17.55 9.63
C GLU B 188 7.96 -18.30 10.39
N SER B 189 7.18 -17.60 11.20
CA SER B 189 6.06 -18.23 11.90
C SER B 189 5.11 -18.80 10.87
N ILE B 190 5.13 -18.25 9.66
CA ILE B 190 4.28 -18.71 8.58
C ILE B 190 4.96 -19.77 7.71
N ILE B 191 6.17 -19.48 7.23
CA ILE B 191 6.82 -20.38 6.28
C ILE B 191 7.95 -21.22 6.90
N GLY B 192 8.19 -21.05 8.20
CA GLY B 192 9.27 -21.75 8.86
C GLY B 192 9.10 -23.25 8.94
N GLU B 193 10.04 -23.91 9.62
CA GLU B 193 10.01 -25.36 9.74
C GLU B 193 8.73 -25.85 10.40
N HIS B 194 8.31 -25.13 11.44
CA HIS B 194 7.02 -25.39 12.05
C HIS B 194 6.13 -24.25 11.64
N GLY B 195 6.22 -23.97 10.34
CA GLY B 195 5.42 -22.97 9.67
C GLY B 195 3.95 -23.19 9.91
N VAL B 196 3.29 -22.10 10.28
CA VAL B 196 1.89 -22.09 10.69
C VAL B 196 0.89 -22.28 9.54
N SER B 197 1.36 -22.17 8.30
CA SER B 197 0.54 -22.48 7.13
C SER B 197 1.29 -23.33 6.08
N PRO B 198 1.27 -24.66 6.25
CA PRO B 198 1.87 -25.63 5.30
C PRO B 198 1.40 -25.46 3.85
N ALA B 199 0.12 -25.10 3.70
CA ALA B 199 -0.50 -24.88 2.40
C ALA B 199 0.22 -23.79 1.62
N ALA B 200 0.52 -22.70 2.33
CA ALA B 200 1.22 -21.57 1.75
C ALA B 200 2.60 -22.00 1.26
N LYS B 201 3.28 -22.80 2.08
CA LYS B 201 4.62 -23.29 1.74
C LYS B 201 4.60 -24.16 0.50
N LEU B 202 3.62 -25.05 0.41
CA LEU B 202 3.51 -25.91 -0.76
C LEU B 202 3.28 -25.08 -2.03
N SER B 203 2.29 -24.20 -1.97
CA SER B 203 1.97 -23.34 -3.10
C SER B 203 3.20 -22.54 -3.55
N LEU B 204 3.80 -21.87 -2.58
CA LEU B 204 5.03 -21.08 -2.76
C LEU B 204 6.10 -21.88 -3.50
N ALA B 205 6.46 -23.04 -2.95
CA ALA B 205 7.48 -23.91 -3.54
C ALA B 205 7.16 -24.24 -5.00
N THR B 206 5.92 -24.68 -5.25
CA THR B 206 5.49 -25.03 -6.60
C THR B 206 5.70 -23.88 -7.59
N ARG B 207 5.12 -22.73 -7.25
CA ARG B 207 5.13 -21.58 -8.15
C ARG B 207 6.55 -21.05 -8.41
N VAL B 208 7.36 -20.94 -7.35
CA VAL B 208 8.73 -20.49 -7.53
C VAL B 208 9.52 -21.49 -8.38
N ALA B 209 9.25 -22.78 -8.22
CA ALA B 209 9.86 -23.78 -9.10
C ALA B 209 9.57 -23.46 -10.56
N GLU B 210 8.29 -23.30 -10.89
CA GLU B 210 7.88 -22.94 -12.25
C GLU B 210 8.63 -21.69 -12.75
N LEU B 211 8.67 -20.65 -11.92
CA LEU B 211 9.33 -19.40 -12.29
C LEU B 211 10.84 -19.56 -12.52
N LEU B 212 11.47 -20.45 -11.75
CA LEU B 212 12.89 -20.70 -11.90
C LEU B 212 13.18 -21.39 -13.22
N LYS B 213 12.38 -22.39 -13.56
CA LYS B 213 12.57 -23.07 -14.84
C LYS B 213 12.33 -22.11 -16.00
N GLU B 214 11.33 -21.23 -15.89
CA GLU B 214 10.98 -20.35 -16.99
C GLU B 214 12.10 -19.39 -17.42
N ALA B 215 12.98 -19.03 -16.48
CA ALA B 215 14.10 -18.14 -16.78
C ALA B 215 14.92 -18.63 -17.96
N ALA B 216 15.25 -19.93 -17.92
CA ALA B 216 15.98 -20.58 -19.00
C ALA B 216 15.26 -20.45 -20.34
N SER B 217 15.61 -19.40 -21.09
CA SER B 217 15.01 -19.14 -22.40
C SER B 217 15.69 -19.98 -23.48
#